data_9QNK
#
_entry.id   9QNK
#
_cell.length_a   82.915
_cell.length_b   113.043
_cell.length_c   63.168
_cell.angle_alpha   90.00
_cell.angle_beta   90.00
_cell.angle_gamma   90.00
#
_symmetry.space_group_name_H-M   'C 2 2 21'
#
loop_
_entity.id
_entity.type
_entity.pdbx_description
1 polymer '14-3-3 protein sigma'
2 polymer 'Microtubule-associated protein tau'
3 non-polymer 'CHLORIDE ION'
4 non-polymer 'MAGNESIUM ION'
5 non-polymer 'CALCIUM ION'
6 water water
#
loop_
_entity_poly.entity_id
_entity_poly.type
_entity_poly.pdbx_seq_one_letter_code
_entity_poly.pdbx_strand_id
1 'polypeptide(L)'
;GAMGSMERASLIQKAKLAEQAERYEDMAAFMKGAVEKGEELSCEERNLLSVAYKNVVGGQRAAWRVLSSIEQKSNEEGSE
EKGPEVREYREKVETELQGVCDTVLGLLDSHLIKEAGDAESRVFYLKMKGDYYRYLAEVATGDDKKRIIDSARSAYQEAM
DISKKEMPPTNPIRLGLALNFSVFHYEIANSPEEAISLAKTTFDEAMADLHTLSEDSYKDSTLIMQLLRDNLTLWT
;
A
2 'polypeptide(L)' SRLQ(TPO)APVP P
#
# COMPACT_ATOMS: atom_id res chain seq x y z
N GLY A 1 -3.03 -9.00 22.07
CA GLY A 1 -2.26 -8.15 22.97
C GLY A 1 -3.16 -7.35 23.91
N ALA A 2 -2.99 -6.02 23.88
CA ALA A 2 -3.73 -5.11 24.72
C ALA A 2 -5.21 -5.03 24.34
N MET A 3 -5.56 -5.45 23.12
CA MET A 3 -6.96 -5.54 22.71
C MET A 3 -7.57 -6.93 22.91
N GLY A 4 -6.82 -7.83 23.55
CA GLY A 4 -7.30 -9.18 23.80
C GLY A 4 -8.59 -9.31 24.60
N SER A 5 -8.84 -8.35 25.52
CA SER A 5 -10.05 -8.39 26.32
C SER A 5 -11.28 -7.70 25.73
N MET A 6 -11.13 -7.04 24.55
CA MET A 6 -12.24 -6.31 23.98
C MET A 6 -12.93 -7.18 22.92
N GLU A 7 -14.26 -7.14 22.90
CA GLU A 7 -15.03 -7.85 21.88
C GLU A 7 -14.65 -7.44 20.46
N ARG A 8 -14.71 -8.40 19.52
CA ARG A 8 -14.43 -8.10 18.12
C ARG A 8 -15.34 -6.99 17.60
N ALA A 9 -16.64 -7.04 17.92
CA ALA A 9 -17.55 -6.03 17.38
C ALA A 9 -17.25 -4.64 17.95
N SER A 10 -16.84 -4.59 19.22
CA SER A 10 -16.44 -3.34 19.85
C SER A 10 -15.18 -2.73 19.23
N LEU A 11 -14.19 -3.59 18.87
CA LEU A 11 -12.98 -3.15 18.16
C LEU A 11 -13.34 -2.52 16.81
N ILE A 12 -14.29 -3.13 16.07
CA ILE A 12 -14.67 -2.62 14.77
C ILE A 12 -15.43 -1.28 14.95
N GLN A 13 -16.30 -1.22 15.96
CA GLN A 13 -17.06 0.00 16.23
C GLN A 13 -16.06 1.13 16.54
N LYS A 14 -15.09 0.86 17.41
CA LYS A 14 -14.11 1.88 17.78
C LYS A 14 -13.21 2.25 16.61
N ALA A 15 -12.84 1.30 15.76
CA ALA A 15 -12.09 1.65 14.55
C ALA A 15 -12.83 2.70 13.74
N LYS A 16 -14.15 2.56 13.62
CA LYS A 16 -14.94 3.50 12.85
C LYS A 16 -14.95 4.89 13.51
N LEU A 17 -15.13 4.92 14.82
CA LEU A 17 -15.04 6.16 15.59
C LEU A 17 -13.67 6.83 15.40
N ALA A 18 -12.58 6.05 15.49
CA ALA A 18 -11.24 6.60 15.34
C ALA A 18 -11.03 7.17 13.94
N GLU A 19 -11.62 6.55 12.91
CA GLU A 19 -11.54 7.11 11.56
C GLU A 19 -12.20 8.51 11.52
N GLN A 20 -13.37 8.62 12.13
CA GLN A 20 -14.10 9.89 12.18
C GLN A 20 -13.31 10.97 12.90
N ALA A 21 -12.56 10.57 13.93
CA ALA A 21 -11.77 11.50 14.72
C ALA A 21 -10.37 11.74 14.16
N GLU A 22 -10.07 11.14 13.00
CA GLU A 22 -8.72 11.14 12.43
C GLU A 22 -7.63 10.68 13.41
N ARG A 23 -7.94 9.64 14.18
CA ARG A 23 -7.01 9.04 15.13
C ARG A 23 -6.51 7.71 14.57
N TYR A 24 -5.62 7.79 13.59
CA TYR A 24 -5.32 6.63 12.77
C TYR A 24 -4.43 5.61 13.50
N GLU A 25 -3.57 6.04 14.42
CA GLU A 25 -2.79 5.10 15.23
C GLU A 25 -3.73 4.25 16.08
N ASP A 26 -4.73 4.88 16.71
CA ASP A 26 -5.75 4.14 17.44
C ASP A 26 -6.51 3.20 16.51
N MET A 27 -6.90 3.72 15.34
CA MET A 27 -7.67 2.94 14.39
C MET A 27 -6.89 1.66 14.06
N ALA A 28 -5.58 1.77 13.81
CA ALA A 28 -4.74 0.64 13.46
C ALA A 28 -4.65 -0.37 14.59
N ALA A 29 -4.49 0.11 15.83
CA ALA A 29 -4.46 -0.79 16.96
C ALA A 29 -5.76 -1.56 17.14
N PHE A 30 -6.91 -0.88 16.93
CA PHE A 30 -8.20 -1.54 17.04
C PHE A 30 -8.29 -2.62 15.94
N MET A 31 -7.91 -2.29 14.71
CA MET A 31 -8.06 -3.27 13.63
C MET A 31 -7.08 -4.44 13.74
N LYS A 32 -5.88 -4.20 14.29
CA LYS A 32 -4.94 -5.27 14.58
C LYS A 32 -5.59 -6.24 15.58
N GLY A 33 -6.18 -5.66 16.63
CA GLY A 33 -6.91 -6.44 17.60
C GLY A 33 -8.01 -7.29 16.99
N ALA A 34 -8.79 -6.69 16.07
CA ALA A 34 -9.83 -7.44 15.37
C ALA A 34 -9.27 -8.58 14.54
N VAL A 35 -8.21 -8.32 13.78
CA VAL A 35 -7.58 -9.42 13.02
C VAL A 35 -7.16 -10.57 13.93
N GLU A 36 -6.58 -10.24 15.09
CA GLU A 36 -6.03 -11.23 16.01
C GLU A 36 -7.11 -12.09 16.68
N LYS A 37 -8.39 -11.72 16.51
CA LYS A 37 -9.47 -12.59 16.94
C LYS A 37 -9.53 -13.89 16.14
N GLY A 38 -8.95 -13.85 14.92
CA GLY A 38 -8.76 -15.08 14.17
C GLY A 38 -9.85 -15.38 13.14
N GLU A 39 -10.90 -14.56 13.09
CA GLU A 39 -11.93 -14.72 12.07
C GLU A 39 -11.55 -13.95 10.79
N GLU A 40 -11.97 -14.47 9.64
CA GLU A 40 -11.81 -13.72 8.40
C GLU A 40 -12.50 -12.34 8.48
N LEU A 41 -12.05 -11.41 7.65
CA LEU A 41 -12.57 -10.05 7.61
C LEU A 41 -13.56 -9.89 6.45
N SER A 42 -14.62 -9.14 6.69
CA SER A 42 -15.53 -8.73 5.64
C SER A 42 -14.91 -7.67 4.72
N CYS A 43 -15.58 -7.35 3.60
CA CYS A 43 -15.09 -6.31 2.70
C CYS A 43 -14.94 -4.97 3.44
N GLU A 44 -15.97 -4.56 4.20
CA GLU A 44 -15.86 -3.31 4.96
C GLU A 44 -14.69 -3.33 5.96
N GLU A 45 -14.52 -4.45 6.63
CA GLU A 45 -13.45 -4.56 7.64
C GLU A 45 -12.05 -4.51 7.02
N ARG A 46 -11.88 -5.12 5.84
CA ARG A 46 -10.65 -5.07 5.09
C ARG A 46 -10.33 -3.62 4.74
N ASN A 47 -11.35 -2.87 4.31
CA ASN A 47 -11.14 -1.46 4.03
C ASN A 47 -10.71 -0.67 5.26
N LEU A 48 -11.29 -0.95 6.45
CA LEU A 48 -10.89 -0.26 7.65
C LEU A 48 -9.43 -0.55 8.00
N LEU A 49 -9.01 -1.81 7.81
CA LEU A 49 -7.64 -2.20 8.08
C LEU A 49 -6.70 -1.41 7.18
N SER A 50 -7.02 -1.38 5.89
CA SER A 50 -6.25 -0.64 4.89
C SER A 50 -6.16 0.86 5.15
N VAL A 51 -7.30 1.49 5.44
CA VAL A 51 -7.31 2.91 5.77
C VAL A 51 -6.39 3.22 6.94
N ALA A 52 -6.49 2.40 7.99
CA ALA A 52 -5.77 2.67 9.22
C ALA A 52 -4.27 2.67 8.97
N TYR A 53 -3.75 1.57 8.45
CA TYR A 53 -2.31 1.46 8.28
C TYR A 53 -1.78 2.37 7.17
N LYS A 54 -2.59 2.65 6.14
CA LYS A 54 -2.11 3.52 5.07
C LYS A 54 -1.87 4.92 5.63
N ASN A 55 -2.77 5.40 6.50
CA ASN A 55 -2.58 6.71 7.11
C ASN A 55 -1.40 6.74 8.07
N VAL A 56 -1.20 5.67 8.83
CA VAL A 56 -0.04 5.64 9.74
C VAL A 56 1.28 5.65 8.95
N VAL A 57 1.40 4.74 7.98
CA VAL A 57 2.65 4.62 7.24
C VAL A 57 2.80 5.86 6.37
N GLY A 58 1.70 6.47 5.92
CA GLY A 58 1.83 7.67 5.09
C GLY A 58 2.49 8.83 5.83
N GLY A 59 2.11 9.05 7.08
CA GLY A 59 2.76 10.02 7.94
C GLY A 59 4.26 9.74 8.08
N GLN A 60 4.60 8.46 8.28
CA GLN A 60 6.00 8.10 8.44
C GLN A 60 6.80 8.34 7.16
N ARG A 61 6.22 7.93 6.02
CA ARG A 61 6.85 8.11 4.72
C ARG A 61 7.14 9.58 4.44
N ALA A 62 6.14 10.44 4.70
CA ALA A 62 6.33 11.85 4.48
C ALA A 62 7.47 12.40 5.34
N ALA A 63 7.48 12.01 6.62
CA ALA A 63 8.50 12.50 7.53
C ALA A 63 9.89 12.02 7.11
N TRP A 64 9.99 10.73 6.77
CA TRP A 64 11.24 10.16 6.29
C TRP A 64 11.78 10.89 5.06
N ARG A 65 10.91 11.20 4.10
CA ARG A 65 11.36 11.94 2.93
C ARG A 65 11.92 13.32 3.26
N VAL A 66 11.28 14.04 4.19
CA VAL A 66 11.76 15.32 4.65
C VAL A 66 13.15 15.17 5.25
N LEU A 67 13.30 14.19 6.15
CA LEU A 67 14.56 14.00 6.84
C LEU A 67 15.68 13.51 5.92
N SER A 68 15.34 12.60 5.00
CA SER A 68 16.31 12.12 4.03
CA SER A 68 16.31 12.12 4.04
C SER A 68 16.84 13.26 3.17
N SER A 69 15.95 14.17 2.77
CA SER A 69 16.37 15.32 1.99
C SER A 69 17.32 16.26 2.71
N ILE A 70 17.04 16.53 4.00
CA ILE A 70 17.93 17.34 4.80
C ILE A 70 19.28 16.66 4.95
N GLU A 71 19.25 15.33 5.10
CA GLU A 71 20.45 14.57 5.35
C GLU A 71 21.33 14.67 4.10
N GLN A 72 20.70 14.53 2.93
CA GLN A 72 21.44 14.46 1.68
C GLN A 72 22.10 15.80 1.40
N LYS A 73 21.36 16.87 1.70
CA LYS A 73 21.92 18.22 1.63
C LYS A 73 23.12 18.44 2.54
N SER A 74 23.08 17.87 3.75
CA SER A 74 24.19 18.02 4.68
C SER A 74 25.46 17.27 4.25
N ASN A 75 25.29 16.24 3.41
CA ASN A 75 26.40 15.44 2.91
C ASN A 75 26.90 15.89 1.55
N GLU A 76 26.65 17.16 1.21
CA GLU A 76 27.25 17.80 0.04
C GLU A 76 28.57 18.47 0.41
N GLU A 77 29.40 18.70 -0.61
CA GLU A 77 30.67 19.38 -0.42
C GLU A 77 30.39 20.85 -0.08
N GLY A 78 31.14 21.40 0.89
CA GLY A 78 30.94 22.76 1.34
C GLY A 78 29.77 22.91 2.32
N SER A 79 29.27 21.77 2.83
CA SER A 79 28.24 21.76 3.87
C SER A 79 28.94 21.71 5.23
N GLU A 80 28.64 22.70 6.08
CA GLU A 80 29.18 22.73 7.43
C GLU A 80 28.68 21.51 8.20
N GLU A 81 29.62 20.76 8.81
CA GLU A 81 29.30 19.50 9.45
C GLU A 81 28.68 19.77 10.82
N LYS A 82 27.46 19.24 11.04
CA LYS A 82 26.62 19.61 12.17
C LYS A 82 26.42 18.46 13.15
N GLY A 83 27.16 17.37 12.95
CA GLY A 83 27.13 16.23 13.85
C GLY A 83 26.18 15.13 13.42
N PRO A 84 25.94 14.14 14.30
CA PRO A 84 25.21 12.93 13.95
C PRO A 84 23.68 13.04 14.03
N GLU A 85 23.15 14.19 14.45
CA GLU A 85 21.76 14.30 14.80
C GLU A 85 20.77 14.04 13.66
N VAL A 86 21.06 14.53 12.45
CA VAL A 86 20.15 14.32 11.34
C VAL A 86 20.06 12.83 11.00
N ARG A 87 21.21 12.17 10.92
CA ARG A 87 21.22 10.74 10.62
C ARG A 87 20.52 9.95 11.72
N GLU A 88 20.80 10.30 12.98
CA GLU A 88 20.14 9.62 14.09
C GLU A 88 18.61 9.71 14.03
N TYR A 89 18.09 10.92 13.78
CA TYR A 89 16.64 11.10 13.79
C TYR A 89 15.99 10.45 12.56
N ARG A 90 16.65 10.53 11.40
CA ARG A 90 16.19 9.81 10.23
C ARG A 90 16.13 8.30 10.48
N GLU A 91 17.16 7.75 11.12
CA GLU A 91 17.13 6.34 11.48
CA GLU A 91 17.17 6.35 11.52
C GLU A 91 16.02 5.98 12.47
N LYS A 92 15.70 6.88 13.41
CA LYS A 92 14.61 6.63 14.35
C LYS A 92 13.28 6.50 13.61
N VAL A 93 13.00 7.45 12.72
CA VAL A 93 11.78 7.44 11.95
C VAL A 93 11.76 6.20 11.04
N GLU A 94 12.90 5.89 10.42
CA GLU A 94 13.02 4.73 9.54
C GLU A 94 12.71 3.40 10.24
N THR A 95 13.24 3.24 11.44
CA THR A 95 13.00 2.07 12.25
C THR A 95 11.52 1.93 12.65
N GLU A 96 10.87 3.04 12.96
CA GLU A 96 9.46 3.03 13.31
C GLU A 96 8.61 2.65 12.08
N LEU A 97 8.97 3.18 10.91
CA LEU A 97 8.28 2.80 9.68
C LEU A 97 8.44 1.32 9.36
N GLN A 98 9.67 0.80 9.50
CA GLN A 98 9.93 -0.60 9.23
C GLN A 98 9.11 -1.44 10.17
N GLY A 99 8.94 -0.97 11.40
CA GLY A 99 8.16 -1.72 12.36
C GLY A 99 6.68 -1.83 12.02
N VAL A 100 6.10 -0.74 11.52
CA VAL A 100 4.71 -0.74 11.06
C VAL A 100 4.55 -1.69 9.87
N CYS A 101 5.46 -1.58 8.89
CA CYS A 101 5.42 -2.49 7.75
C CYS A 101 5.50 -3.94 8.19
N ASP A 102 6.40 -4.25 9.12
CA ASP A 102 6.54 -5.61 9.61
C ASP A 102 5.30 -6.09 10.35
N THR A 103 4.62 -5.17 11.07
CA THR A 103 3.37 -5.54 11.72
C THR A 103 2.28 -5.94 10.72
N VAL A 104 2.13 -5.15 9.67
CA VAL A 104 1.13 -5.44 8.64
C VAL A 104 1.46 -6.76 7.94
N LEU A 105 2.74 -6.94 7.56
CA LEU A 105 3.16 -8.16 6.87
C LEU A 105 2.94 -9.38 7.76
N GLY A 106 3.17 -9.19 9.05
CA GLY A 106 2.89 -10.23 10.03
C GLY A 106 1.43 -10.65 10.08
N LEU A 107 0.53 -9.69 10.03
CA LEU A 107 -0.89 -9.97 10.05
C LEU A 107 -1.29 -10.73 8.79
N LEU A 108 -0.71 -10.34 7.64
CA LEU A 108 -1.08 -11.00 6.41
C LEU A 108 -0.58 -12.43 6.41
N ASP A 109 0.59 -12.65 6.98
CA ASP A 109 1.17 -13.99 7.05
C ASP A 109 0.56 -14.88 8.14
N SER A 110 -0.08 -14.27 9.14
CA SER A 110 -0.60 -14.99 10.29
C SER A 110 -1.97 -14.46 10.70
N HIS A 111 -3.05 -14.80 9.97
CA HIS A 111 -3.09 -15.77 8.90
C HIS A 111 -4.06 -15.32 7.80
N LEU A 112 -4.06 -14.02 7.48
CA LEU A 112 -5.10 -13.50 6.59
C LEU A 112 -5.02 -14.13 5.20
N ILE A 113 -3.82 -14.23 4.63
CA ILE A 113 -3.71 -14.67 3.24
C ILE A 113 -4.11 -16.14 3.13
N LYS A 114 -3.58 -16.98 4.02
CA LYS A 114 -3.81 -18.41 3.84
C LYS A 114 -5.28 -18.77 4.02
N GLU A 115 -6.05 -17.97 4.77
CA GLU A 115 -7.46 -18.28 4.96
C GLU A 115 -8.35 -17.59 3.91
N ALA A 116 -7.76 -16.76 3.05
CA ALA A 116 -8.49 -16.07 1.98
C ALA A 116 -8.65 -16.91 0.71
N GLY A 117 -9.85 -17.36 0.46
CA GLY A 117 -10.14 -18.25 -0.66
C GLY A 117 -10.80 -17.56 -1.84
N ASP A 118 -11.65 -16.55 -1.58
CA ASP A 118 -12.32 -15.82 -2.64
CA ASP A 118 -12.30 -15.89 -2.69
C ASP A 118 -11.34 -14.86 -3.29
N ALA A 119 -11.52 -14.59 -4.58
CA ALA A 119 -10.62 -13.72 -5.30
C ALA A 119 -10.54 -12.30 -4.75
N GLU A 120 -11.69 -11.74 -4.38
CA GLU A 120 -11.75 -10.39 -3.88
C GLU A 120 -10.90 -10.23 -2.63
N SER A 121 -10.92 -11.23 -1.73
CA SER A 121 -10.14 -11.12 -0.51
C SER A 121 -8.66 -11.42 -0.76
N ARG A 122 -8.35 -12.48 -1.51
CA ARG A 122 -6.98 -12.89 -1.72
C ARG A 122 -6.21 -11.81 -2.49
N VAL A 123 -6.84 -11.24 -3.52
CA VAL A 123 -6.20 -10.16 -4.27
C VAL A 123 -5.97 -8.92 -3.40
N PHE A 124 -6.96 -8.58 -2.56
CA PHE A 124 -6.80 -7.45 -1.64
C PHE A 124 -5.54 -7.65 -0.78
N TYR A 125 -5.41 -8.84 -0.20
CA TYR A 125 -4.34 -9.08 0.76
C TYR A 125 -2.99 -9.18 0.07
N LEU A 126 -2.97 -9.76 -1.14
CA LEU A 126 -1.71 -9.87 -1.84
C LEU A 126 -1.25 -8.51 -2.33
N LYS A 127 -2.18 -7.66 -2.82
CA LYS A 127 -1.84 -6.27 -3.12
C LYS A 127 -1.23 -5.56 -1.91
N MET A 128 -1.83 -5.75 -0.72
CA MET A 128 -1.34 -5.11 0.48
CA MET A 128 -1.34 -5.13 0.49
C MET A 128 0.08 -5.60 0.80
N LYS A 129 0.33 -6.90 0.62
CA LYS A 129 1.65 -7.45 0.83
C LYS A 129 2.67 -6.77 -0.11
N GLY A 130 2.32 -6.64 -1.38
CA GLY A 130 3.15 -5.92 -2.32
C GLY A 130 3.42 -4.50 -1.85
N ASP A 131 2.35 -3.79 -1.46
CA ASP A 131 2.47 -2.40 -1.04
C ASP A 131 3.42 -2.20 0.14
N TYR A 132 3.32 -3.07 1.15
CA TYR A 132 4.10 -2.86 2.35
C TYR A 132 5.54 -3.31 2.14
N TYR A 133 5.79 -4.28 1.26
CA TYR A 133 7.17 -4.56 0.86
C TYR A 133 7.73 -3.38 0.05
N ARG A 134 6.88 -2.72 -0.77
CA ARG A 134 7.34 -1.58 -1.55
C ARG A 134 7.73 -0.42 -0.63
N TYR A 135 6.96 -0.19 0.42
CA TYR A 135 7.28 0.86 1.38
C TYR A 135 8.61 0.52 2.08
N LEU A 136 8.83 -0.75 2.39
CA LEU A 136 10.13 -1.14 2.91
C LEU A 136 11.26 -0.89 1.91
N ALA A 137 11.01 -1.19 0.63
CA ALA A 137 11.97 -0.92 -0.41
C ALA A 137 12.39 0.55 -0.54
N GLU A 138 11.45 1.48 -0.30
CA GLU A 138 11.72 2.90 -0.43
C GLU A 138 12.88 3.35 0.48
N VAL A 139 13.06 2.68 1.63
CA VAL A 139 14.06 3.06 2.63
C VAL A 139 15.24 2.08 2.70
N ALA A 140 15.18 0.98 1.95
CA ALA A 140 16.23 -0.04 1.99
C ALA A 140 17.47 0.33 1.20
N THR A 141 18.61 -0.19 1.65
CA THR A 141 19.87 0.02 0.95
C THR A 141 20.64 -1.28 0.73
N GLY A 142 20.92 -1.59 -0.55
CA GLY A 142 21.88 -2.61 -0.94
C GLY A 142 21.30 -3.99 -1.26
N ASP A 143 21.76 -5.01 -0.52
CA ASP A 143 21.38 -6.40 -0.77
C ASP A 143 20.03 -6.73 -0.15
N ASP A 144 19.81 -6.26 1.08
CA ASP A 144 18.46 -6.26 1.62
C ASP A 144 17.49 -5.74 0.56
N LYS A 145 17.90 -4.68 -0.14
CA LYS A 145 17.02 -4.01 -1.08
C LYS A 145 16.57 -4.97 -2.18
N LYS A 146 17.51 -5.79 -2.68
CA LYS A 146 17.20 -6.71 -3.76
C LYS A 146 16.15 -7.74 -3.36
N ARG A 147 16.29 -8.34 -2.18
CA ARG A 147 15.35 -9.35 -1.72
C ARG A 147 13.98 -8.73 -1.39
N ILE A 148 13.97 -7.51 -0.85
CA ILE A 148 12.73 -6.82 -0.57
C ILE A 148 11.98 -6.54 -1.87
N ILE A 149 12.72 -6.07 -2.89
CA ILE A 149 12.10 -5.80 -4.17
C ILE A 149 11.50 -7.06 -4.80
N ASP A 150 12.23 -8.17 -4.71
CA ASP A 150 11.72 -9.42 -5.24
C ASP A 150 10.46 -9.88 -4.50
N SER A 151 10.42 -9.64 -3.18
CA SER A 151 9.25 -10.01 -2.40
C SER A 151 8.03 -9.20 -2.82
N ALA A 152 8.22 -7.89 -3.00
CA ALA A 152 7.13 -7.05 -3.48
C ALA A 152 6.64 -7.52 -4.85
N ARG A 153 7.60 -7.71 -5.77
CA ARG A 153 7.25 -8.11 -7.13
C ARG A 153 6.44 -9.41 -7.14
N SER A 154 6.87 -10.38 -6.33
CA SER A 154 6.25 -11.69 -6.31
C SER A 154 4.82 -11.60 -5.80
N ALA A 155 4.60 -10.78 -4.78
CA ALA A 155 3.26 -10.60 -4.24
C ALA A 155 2.35 -9.94 -5.26
N TYR A 156 2.81 -8.84 -5.88
CA TYR A 156 2.06 -8.16 -6.91
C TYR A 156 1.72 -9.12 -8.07
N GLN A 157 2.70 -9.93 -8.50
N GLN A 157 2.70 -9.94 -8.47
CA GLN A 157 2.48 -10.80 -9.64
CA GLN A 157 2.53 -10.81 -9.63
C GLN A 157 1.37 -11.81 -9.32
C GLN A 157 1.47 -11.88 -9.36
N GLU A 158 1.47 -12.43 -8.14
CA GLU A 158 0.46 -13.41 -7.74
C GLU A 158 -0.93 -12.76 -7.75
N ALA A 159 -1.04 -11.56 -7.17
CA ALA A 159 -2.29 -10.82 -7.23
C ALA A 159 -2.79 -10.56 -8.65
N MET A 160 -1.90 -10.12 -9.53
CA MET A 160 -2.27 -9.86 -10.92
C MET A 160 -2.80 -11.12 -11.59
N ASP A 161 -2.10 -12.25 -11.41
CA ASP A 161 -2.53 -13.48 -12.06
C ASP A 161 -3.95 -13.87 -11.65
N ILE A 162 -4.25 -13.80 -10.34
CA ILE A 162 -5.60 -14.08 -9.89
C ILE A 162 -6.62 -13.09 -10.44
N SER A 163 -6.29 -11.79 -10.37
CA SER A 163 -7.24 -10.75 -10.74
C SER A 163 -7.61 -10.85 -12.22
N LYS A 164 -6.64 -11.22 -13.07
CA LYS A 164 -6.88 -11.36 -14.50
C LYS A 164 -7.79 -12.54 -14.81
N LYS A 165 -7.70 -13.60 -14.02
CA LYS A 165 -8.51 -14.79 -14.21
C LYS A 165 -9.90 -14.63 -13.62
N GLU A 166 -10.04 -13.88 -12.53
CA GLU A 166 -11.23 -13.95 -11.71
C GLU A 166 -12.08 -12.70 -11.55
N MET A 167 -11.56 -11.55 -11.99
CA MET A 167 -12.25 -10.28 -11.83
C MET A 167 -12.40 -9.56 -13.15
N PRO A 168 -13.48 -8.75 -13.35
CA PRO A 168 -13.59 -7.94 -14.55
C PRO A 168 -12.56 -6.82 -14.61
N PRO A 169 -12.17 -6.37 -15.82
CA PRO A 169 -11.13 -5.35 -15.96
C PRO A 169 -11.46 -4.02 -15.29
N THR A 170 -12.75 -3.81 -14.95
CA THR A 170 -13.17 -2.57 -14.29
C THR A 170 -13.20 -2.68 -12.77
N ASN A 171 -12.93 -3.86 -12.21
CA ASN A 171 -13.01 -4.01 -10.77
C ASN A 171 -12.04 -3.06 -10.06
N PRO A 172 -12.49 -2.24 -9.08
CA PRO A 172 -11.62 -1.27 -8.44
C PRO A 172 -10.36 -1.84 -7.81
N ILE A 173 -10.49 -3.01 -7.17
CA ILE A 173 -9.33 -3.66 -6.57
C ILE A 173 -8.33 -4.02 -7.66
N ARG A 174 -8.80 -4.63 -8.74
CA ARG A 174 -7.93 -4.93 -9.87
C ARG A 174 -7.27 -3.67 -10.42
N LEU A 175 -8.02 -2.57 -10.58
CA LEU A 175 -7.45 -1.33 -11.07
C LEU A 175 -6.41 -0.73 -10.13
N GLY A 176 -6.69 -0.74 -8.83
CA GLY A 176 -5.76 -0.16 -7.86
C GLY A 176 -4.47 -0.97 -7.72
N LEU A 177 -4.61 -2.30 -7.83
CA LEU A 177 -3.46 -3.19 -7.88
C LEU A 177 -2.59 -2.83 -9.07
N ALA A 178 -3.19 -2.71 -10.25
CA ALA A 178 -2.40 -2.43 -11.45
C ALA A 178 -1.72 -1.06 -11.35
N LEU A 179 -2.44 -0.05 -10.84
CA LEU A 179 -1.88 1.27 -10.58
C LEU A 179 -0.62 1.19 -9.73
N ASN A 180 -0.74 0.49 -8.60
CA ASN A 180 0.39 0.40 -7.67
C ASN A 180 1.55 -0.43 -8.19
N PHE A 181 1.27 -1.53 -8.93
CA PHE A 181 2.34 -2.34 -9.49
C PHE A 181 3.05 -1.52 -10.56
N SER A 182 2.32 -0.67 -11.29
CA SER A 182 2.94 0.16 -12.31
CA SER A 182 2.93 0.17 -12.30
C SER A 182 3.89 1.16 -11.65
N VAL A 183 3.48 1.73 -10.49
CA VAL A 183 4.35 2.67 -9.79
C VAL A 183 5.57 1.91 -9.26
N PHE A 184 5.37 0.71 -8.74
CA PHE A 184 6.49 -0.16 -8.36
C PHE A 184 7.51 -0.24 -9.48
N HIS A 185 7.05 -0.56 -10.70
CA HIS A 185 7.96 -0.74 -11.81
C HIS A 185 8.73 0.55 -12.09
N TYR A 186 8.05 1.70 -12.05
CA TYR A 186 8.65 2.96 -12.42
C TYR A 186 9.66 3.45 -11.37
N GLU A 187 9.27 3.37 -10.09
CA GLU A 187 9.96 4.09 -9.02
C GLU A 187 10.93 3.19 -8.25
N ILE A 188 10.63 1.90 -8.16
CA ILE A 188 11.39 0.95 -7.36
C ILE A 188 12.26 0.02 -8.19
N ALA A 189 11.69 -0.59 -9.23
CA ALA A 189 12.39 -1.59 -10.03
C ALA A 189 13.13 -1.02 -11.23
N ASN A 190 13.09 0.30 -11.41
CA ASN A 190 13.81 0.93 -12.52
C ASN A 190 13.40 0.37 -13.88
N SER A 191 12.10 0.06 -14.03
CA SER A 191 11.53 -0.40 -15.30
C SER A 191 10.42 0.50 -15.82
N PRO A 192 10.74 1.75 -16.26
CA PRO A 192 9.72 2.69 -16.69
C PRO A 192 8.90 2.22 -17.89
N GLU A 193 9.50 1.47 -18.80
CA GLU A 193 8.69 1.01 -19.92
C GLU A 193 7.63 -0.01 -19.49
N GLU A 194 7.96 -0.92 -18.56
CA GLU A 194 6.98 -1.85 -18.02
C GLU A 194 5.85 -1.12 -17.31
N ALA A 195 6.24 -0.09 -16.55
CA ALA A 195 5.26 0.77 -15.88
C ALA A 195 4.23 1.37 -16.83
N ILE A 196 4.74 1.96 -17.91
CA ILE A 196 3.90 2.63 -18.89
C ILE A 196 3.02 1.62 -19.61
N SER A 197 3.61 0.49 -20.01
CA SER A 197 2.85 -0.55 -20.67
C SER A 197 1.68 -1.09 -19.84
N LEU A 198 1.98 -1.32 -18.56
CA LEU A 198 0.98 -1.88 -17.66
C LEU A 198 -0.17 -0.88 -17.44
N ALA A 199 0.18 0.39 -17.24
CA ALA A 199 -0.84 1.40 -17.02
C ALA A 199 -1.75 1.59 -18.23
N LYS A 200 -1.13 1.61 -19.43
CA LYS A 200 -1.88 1.77 -20.69
C LYS A 200 -2.82 0.61 -20.96
N THR A 201 -2.29 -0.61 -20.91
CA THR A 201 -3.13 -1.78 -21.14
C THR A 201 -4.27 -1.87 -20.12
N THR A 202 -3.98 -1.57 -18.85
CA THR A 202 -5.01 -1.62 -17.82
C THR A 202 -6.12 -0.61 -18.13
N PHE A 203 -5.72 0.62 -18.49
CA PHE A 203 -6.68 1.66 -18.81
C PHE A 203 -7.55 1.27 -20.00
N ASP A 204 -6.95 0.76 -21.06
CA ASP A 204 -7.68 0.48 -22.29
C ASP A 204 -8.65 -0.69 -22.08
N GLU A 205 -8.25 -1.70 -21.31
CA GLU A 205 -9.16 -2.83 -21.06
C GLU A 205 -10.33 -2.44 -20.15
N ALA A 206 -10.09 -1.53 -19.21
CA ALA A 206 -11.20 -1.03 -18.43
C ALA A 206 -12.17 -0.17 -19.24
N MET A 207 -11.63 0.73 -20.07
CA MET A 207 -12.45 1.54 -20.96
C MET A 207 -13.47 0.70 -21.74
N ALA A 208 -13.02 -0.44 -22.26
CA ALA A 208 -13.87 -1.26 -23.11
C ALA A 208 -14.93 -2.08 -22.37
N ASP A 209 -14.86 -2.09 -21.04
CA ASP A 209 -15.82 -2.80 -20.19
C ASP A 209 -16.76 -1.84 -19.42
N LEU A 210 -16.55 -0.53 -19.53
CA LEU A 210 -17.37 0.43 -18.81
C LEU A 210 -18.86 0.32 -19.14
N HIS A 211 -19.19 -0.10 -20.39
CA HIS A 211 -20.56 -0.16 -20.85
C HIS A 211 -21.39 -1.14 -20.01
N THR A 212 -20.71 -2.05 -19.30
CA THR A 212 -21.41 -3.05 -18.52
C THR A 212 -21.85 -2.57 -17.15
N LEU A 213 -21.37 -1.38 -16.74
CA LEU A 213 -21.52 -0.90 -15.38
C LEU A 213 -22.74 -0.03 -15.11
N SER A 214 -23.26 -0.11 -13.87
CA SER A 214 -24.23 0.83 -13.36
C SER A 214 -23.60 2.20 -13.15
N GLU A 215 -24.44 3.24 -12.99
CA GLU A 215 -23.91 4.58 -12.75
C GLU A 215 -22.92 4.66 -11.58
N ASP A 216 -23.23 4.01 -10.45
CA ASP A 216 -22.35 4.02 -9.30
C ASP A 216 -21.03 3.28 -9.51
N SER A 217 -21.11 2.09 -10.12
CA SER A 217 -19.92 1.34 -10.45
C SER A 217 -19.03 2.06 -11.47
N TYR A 218 -19.67 2.71 -12.45
CA TYR A 218 -18.96 3.54 -13.40
C TYR A 218 -18.13 4.64 -12.74
N LYS A 219 -18.75 5.33 -11.76
CA LYS A 219 -18.04 6.35 -10.99
C LYS A 219 -16.84 5.79 -10.23
N ASP A 220 -17.00 4.62 -9.57
CA ASP A 220 -15.90 3.99 -8.84
C ASP A 220 -14.73 3.64 -9.77
N SER A 221 -15.03 3.01 -10.91
CA SER A 221 -13.98 2.60 -11.83
C SER A 221 -13.26 3.77 -12.50
N THR A 222 -14.03 4.75 -12.96
CA THR A 222 -13.43 5.87 -13.69
C THR A 222 -12.55 6.70 -12.75
N LEU A 223 -12.85 6.74 -11.45
CA LEU A 223 -11.95 7.43 -10.53
C LEU A 223 -10.53 6.87 -10.53
N ILE A 224 -10.43 5.54 -10.50
CA ILE A 224 -9.09 4.93 -10.48
C ILE A 224 -8.45 5.01 -11.86
N MET A 225 -9.25 4.90 -12.93
CA MET A 225 -8.72 5.02 -14.28
C MET A 225 -8.05 6.39 -14.51
N GLN A 226 -8.63 7.44 -13.89
CA GLN A 226 -8.08 8.77 -14.01
C GLN A 226 -6.69 8.86 -13.37
N LEU A 227 -6.47 8.11 -12.30
CA LEU A 227 -5.15 8.02 -11.67
C LEU A 227 -4.13 7.38 -12.60
N LEU A 228 -4.49 6.29 -13.29
CA LEU A 228 -3.62 5.74 -14.32
C LEU A 228 -3.28 6.77 -15.39
N ARG A 229 -4.29 7.50 -15.89
CA ARG A 229 -4.09 8.54 -16.88
C ARG A 229 -3.16 9.65 -16.37
N ASP A 230 -3.35 10.06 -15.13
CA ASP A 230 -2.51 11.12 -14.56
C ASP A 230 -1.04 10.66 -14.53
N ASN A 231 -0.78 9.42 -14.10
CA ASN A 231 0.60 8.94 -14.11
C ASN A 231 1.15 8.86 -15.53
N LEU A 232 0.37 8.32 -16.45
CA LEU A 232 0.83 8.23 -17.84
C LEU A 232 1.18 9.59 -18.41
N THR A 233 0.41 10.61 -18.01
CA THR A 233 0.67 11.97 -18.48
C THR A 233 2.02 12.49 -17.95
N LEU A 234 2.33 12.14 -16.69
CA LEU A 234 3.62 12.49 -16.11
C LEU A 234 4.76 11.78 -16.82
N TRP A 235 4.52 10.52 -17.21
CA TRP A 235 5.60 9.66 -17.65
C TRP A 235 5.88 9.73 -19.15
N THR A 236 4.94 10.33 -19.90
CA THR A 236 5.09 10.37 -21.34
C THR A 236 4.81 11.76 -21.84
N SER B 1 0.91 17.36 -11.16
CA SER B 1 0.92 16.40 -10.06
C SER B 1 2.33 15.84 -9.83
N ARG B 2 2.41 14.94 -8.84
CA ARG B 2 3.42 13.91 -8.77
C ARG B 2 2.69 12.60 -9.03
N LEU B 3 3.46 11.51 -9.12
CA LEU B 3 2.91 10.17 -9.11
C LEU B 3 1.83 9.98 -8.07
N GLN B 4 0.83 9.16 -8.41
CA GLN B 4 -0.19 8.76 -7.47
C GLN B 4 -0.35 7.24 -7.37
N ALA B 6 -2.95 4.06 -5.20
CA ALA B 6 -4.38 3.84 -4.99
C ALA B 6 -4.81 4.54 -3.71
N PRO B 7 -5.97 5.23 -3.71
CA PRO B 7 -6.52 5.86 -2.51
C PRO B 7 -7.08 4.84 -1.53
N VAL B 8 -7.26 5.26 -0.26
CA VAL B 8 -7.96 4.39 0.68
C VAL B 8 -9.27 5.04 1.06
N PRO B 9 -10.45 4.39 0.83
CA PRO B 9 -11.72 5.01 1.12
C PRO B 9 -11.64 6.11 2.17
#